data_5VD1
#
_entry.id   5VD1
#
_cell.length_a   46.550
_cell.length_b   55.390
_cell.length_c   113.810
_cell.angle_alpha   90.000
_cell.angle_beta   90.000
_cell.angle_gamma   90.000
#
_symmetry.space_group_name_H-M   'P 21 21 21'
#
loop_
_entity.id
_entity.type
_entity.pdbx_description
1 polymer 'Membrane-associated tyrosine- and threonine-specific cdc2-inhibitory kinase'
2 non-polymer N,1,4,4-TETRAMETHYL-8-{[4-(4-METHYLPIPERAZIN-1-YL)PHENYL]AMINO}-4,5-DIHYDRO-1H-PYRAZOLO[4,3-H]QUINAZOLINE-3-CARBOXAMIDE
3 non-polymer DI(HYDROXYETHYL)ETHER
4 water water
#
_entity_poly.entity_id   1
_entity_poly.type   'polypeptide(L)'
_entity_poly.pdbx_seq_one_letter_code
;MHHHHHHSSGVDLGTENLYFQSMHQLQPRRVSFRGEASETLQSPGYDPSRPESFFQQSFQRLSRLGHGSYGEVFKVRSKE
DGRLYAVKRSMSPFRGPKDRARKLAEVGSHEKVGQHPCCVRLEQAWEEGGILYLQTELCGPSLQQHCEAWGASLPEAQVW
GYLRDTLLALAHLHSQGLVHLDVKPANIFLGPRGRCKLGDFGLLVELGTAGAGEVQEGDPRYMAPELLQGSYGTAADVFS
LGLTILEVACNMELPHGGEGWQQLRQGYLPPEFTAGLSSELRSVLVMMLEPDPKLRATAEALLALPVLRQP
;
_entity_poly.pdbx_strand_id   A
#
# COMPACT_ATOMS: atom_id res chain seq x y z
N LEU A 13 -24.46 8.96 2.78
CA LEU A 13 -23.81 9.27 1.53
C LEU A 13 -24.68 9.02 0.28
N GLY A 14 -25.30 7.90 0.14
CA GLY A 14 -26.12 7.60 -1.02
C GLY A 14 -27.38 8.41 -1.28
N THR A 15 -27.60 9.50 -0.53
CA THR A 15 -28.79 10.36 -0.65
C THR A 15 -28.70 11.96 -0.79
N GLU A 16 -27.55 12.53 -1.04
CA GLU A 16 -27.36 13.97 -1.10
C GLU A 16 -28.17 14.70 -2.10
N ASN A 17 -28.43 15.94 -1.75
CA ASN A 17 -29.07 16.85 -2.65
C ASN A 17 -27.99 17.21 -3.63
N LEU A 18 -28.38 17.63 -4.82
CA LEU A 18 -27.46 17.96 -5.87
C LEU A 18 -26.53 16.73 -6.15
N TYR A 19 -27.12 15.54 -6.25
CA TYR A 19 -26.38 14.29 -6.32
C TYR A 19 -25.50 14.29 -7.47
N PHE A 20 -25.96 14.90 -8.51
CA PHE A 20 -25.27 14.87 -9.75
C PHE A 20 -24.28 16.02 -10.07
N GLN A 21 -24.29 17.04 -9.25
CA GLN A 21 -23.40 18.18 -9.49
C GLN A 21 -21.97 17.73 -9.52
N SER A 22 -21.23 18.33 -10.44
CA SER A 22 -19.81 18.08 -10.58
C SER A 22 -19.05 19.13 -9.79
N LEU A 26 -13.47 22.64 -11.28
CA LEU A 26 -12.99 23.34 -12.49
C LEU A 26 -11.55 23.84 -12.32
N GLN A 27 -11.22 24.34 -11.13
CA GLN A 27 -9.82 24.63 -10.77
C GLN A 27 -9.48 23.75 -9.58
N PRO A 28 -8.20 23.48 -9.35
CA PRO A 28 -7.87 22.48 -8.34
C PRO A 28 -8.24 22.89 -6.92
N ARG A 29 -8.60 21.92 -6.09
CA ARG A 29 -8.83 22.15 -4.68
C ARG A 29 -7.99 21.17 -3.89
N ARG A 30 -7.22 21.70 -2.92
CA ARG A 30 -6.39 20.83 -2.09
C ARG A 30 -7.30 19.88 -1.31
N VAL A 31 -6.83 18.63 -1.18
CA VAL A 31 -7.41 17.61 -0.30
C VAL A 31 -6.45 17.39 0.88
N SER A 32 -6.91 17.54 2.13
CA SER A 32 -5.99 17.48 3.28
C SER A 32 -6.52 16.86 4.58
N PHE A 33 -5.70 17.05 5.61
CA PHE A 33 -5.99 16.61 6.97
C PHE A 33 -6.72 17.69 7.77
N ARG A 34 -7.41 18.57 7.06
CA ARG A 34 -7.99 19.78 7.66
C ARG A 34 -6.93 20.54 8.47
N GLY A 35 -5.89 20.96 7.77
CA GLY A 35 -4.87 21.84 8.33
C GLY A 35 -4.85 23.11 7.51
N GLU A 36 -3.92 23.19 6.58
CA GLU A 36 -3.87 24.33 5.67
C GLU A 36 -5.16 24.42 4.85
N ALA A 37 -5.64 23.26 4.44
CA ALA A 37 -6.75 23.11 3.50
C ALA A 37 -8.12 23.12 4.21
N SER A 38 -9.25 23.16 3.47
CA SER A 38 -9.34 23.19 2.00
C SER A 38 -8.71 24.46 1.42
N GLU A 39 -8.09 24.35 0.24
CA GLU A 39 -7.25 25.43 -0.27
C GLU A 39 -7.06 25.52 -1.79
N THR A 40 -6.60 26.69 -2.19
CA THR A 40 -6.23 27.00 -3.56
C THR A 40 -4.83 26.48 -3.78
N LEU A 41 -4.54 26.02 -4.99
CA LEU A 41 -3.18 25.63 -5.31
C LEU A 41 -2.53 26.68 -6.20
N GLN A 42 -1.21 26.77 -6.07
CA GLN A 42 -0.39 27.64 -6.90
C GLN A 42 0.90 26.93 -7.24
N SER A 43 1.53 27.35 -8.32
CA SER A 43 2.80 26.79 -8.76
C SER A 43 3.39 27.65 -9.84
N PRO A 44 4.72 27.76 -9.85
CA PRO A 44 5.40 28.20 -11.07
C PRO A 44 4.90 27.38 -12.23
N GLY A 45 4.65 28.00 -13.38
CA GLY A 45 4.14 27.27 -14.53
C GLY A 45 2.61 27.13 -14.62
N TYR A 46 1.91 27.43 -13.53
CA TYR A 46 0.45 27.32 -13.46
C TYR A 46 -0.27 28.65 -13.54
N ASP A 47 -1.14 28.77 -14.53
CA ASP A 47 -2.05 29.91 -14.66
C ASP A 47 -3.46 29.34 -14.71
N PRO A 48 -4.31 29.63 -13.68
CA PRO A 48 -5.68 29.13 -13.63
C PRO A 48 -6.54 29.51 -14.85
N SER A 49 -6.18 30.59 -15.54
CA SER A 49 -6.97 31.01 -16.69
C SER A 49 -6.61 30.24 -17.96
N ARG A 50 -5.52 29.47 -17.95
CA ARG A 50 -5.23 28.58 -19.07
C ARG A 50 -6.00 27.28 -18.84
N PRO A 51 -6.41 26.59 -19.93
CA PRO A 51 -7.35 25.47 -19.76
C PRO A 51 -6.73 24.15 -19.29
N GLU A 52 -5.42 24.02 -19.43
CA GLU A 52 -4.74 22.83 -18.93
C GLU A 52 -4.90 22.68 -17.41
N SER A 53 -4.94 21.43 -16.96
CA SER A 53 -5.09 21.14 -15.54
C SER A 53 -3.87 21.58 -14.75
N PHE A 54 -4.05 21.68 -13.44
CA PHE A 54 -2.94 21.99 -12.54
C PHE A 54 -1.83 20.96 -12.75
N PHE A 55 -2.21 19.69 -12.88
CA PHE A 55 -1.24 18.63 -13.05
C PHE A 55 -0.41 18.83 -14.31
N GLN A 56 -1.09 19.20 -15.41
CA GLN A 56 -0.42 19.39 -16.69
C GLN A 56 0.54 20.57 -16.61
N GLN A 57 0.08 21.65 -16.00
CA GLN A 57 0.85 22.89 -15.95
C GLN A 57 2.00 22.92 -14.94
N SER A 58 1.91 22.14 -13.88
CA SER A 58 2.79 22.34 -12.72
C SER A 58 3.87 21.26 -12.60
N PHE A 59 3.82 20.28 -13.49
CA PHE A 59 4.80 19.18 -13.48
C PHE A 59 5.31 18.84 -14.86
N GLN A 60 6.56 18.38 -14.91
CA GLN A 60 7.07 17.71 -16.09
C GLN A 60 6.75 16.26 -15.93
N ARG A 61 5.99 15.72 -16.86
CA ARG A 61 5.61 14.32 -16.82
C ARG A 61 6.69 13.49 -17.51
N LEU A 62 7.35 12.63 -16.75
CA LEU A 62 8.53 11.94 -17.24
C LEU A 62 8.26 10.51 -17.73
N SER A 63 7.56 9.71 -16.95
CA SER A 63 7.21 8.37 -17.42
C SER A 63 6.04 7.83 -16.62
N ARG A 64 5.41 6.79 -17.14
CA ARG A 64 4.33 6.12 -16.42
C ARG A 64 4.93 4.97 -15.63
N LEU A 65 4.83 5.06 -14.31
CA LEU A 65 5.36 4.05 -13.40
C LEU A 65 4.44 2.86 -13.23
N GLY A 66 3.15 3.09 -13.31
CA GLY A 66 2.17 2.03 -13.14
C GLY A 66 0.82 2.45 -13.64
N HIS A 67 -0.03 1.45 -13.84
CA HIS A 67 -1.40 1.70 -14.19
C HIS A 67 -2.27 0.51 -13.85
N GLY A 68 -3.57 0.78 -13.78
CA GLY A 68 -4.56 -0.24 -13.47
C GLY A 68 -5.95 0.35 -13.59
N SER A 69 -6.94 -0.37 -13.07
CA SER A 69 -8.32 0.12 -13.14
C SER A 69 -8.47 1.44 -12.37
N TYR A 70 -7.58 1.63 -11.39
CA TYR A 70 -7.61 2.82 -10.55
C TYR A 70 -7.22 4.09 -11.27
N GLY A 71 -6.45 3.97 -12.34
CA GLY A 71 -5.80 5.12 -12.94
C GLY A 71 -4.36 4.84 -13.28
N GLU A 72 -3.51 5.85 -13.08
CA GLU A 72 -2.11 5.78 -13.49
C GLU A 72 -1.22 6.43 -12.47
N VAL A 73 0.03 5.97 -12.40
CA VAL A 73 1.04 6.64 -11.59
C VAL A 73 2.17 7.12 -12.52
N PHE A 74 2.52 8.41 -12.41
CA PHE A 74 3.57 9.01 -13.21
C PHE A 74 4.75 9.44 -12.36
N LYS A 75 5.96 9.22 -12.89
CA LYS A 75 7.16 9.89 -12.42
C LYS A 75 7.12 11.31 -12.98
N VAL A 76 7.28 12.30 -12.11
CA VAL A 76 7.20 13.69 -12.51
C VAL A 76 8.32 14.49 -11.87
N ARG A 77 8.66 15.61 -12.48
CA ARG A 77 9.47 16.65 -11.83
C ARG A 77 8.57 17.84 -11.54
N SER A 78 8.60 18.27 -10.29
CA SER A 78 7.82 19.41 -9.83
C SER A 78 8.42 20.71 -10.32
N LYS A 79 7.58 21.60 -10.85
CA LYS A 79 8.05 22.93 -11.26
C LYS A 79 8.25 23.84 -10.05
N GLU A 80 7.63 23.48 -8.92
CA GLU A 80 7.81 24.23 -7.67
C GLU A 80 9.22 24.10 -7.10
N ASP A 81 9.78 22.89 -7.06
CA ASP A 81 11.08 22.68 -6.39
C ASP A 81 12.07 21.90 -7.23
N GLY A 82 11.69 21.51 -8.44
CA GLY A 82 12.58 20.81 -9.32
C GLY A 82 12.92 19.40 -8.88
N ARG A 83 12.21 18.89 -7.89
CA ARG A 83 12.48 17.53 -7.40
C ARG A 83 11.53 16.53 -8.05
N LEU A 84 11.95 15.26 -7.99
CA LEU A 84 11.17 14.14 -8.51
C LEU A 84 10.18 13.62 -7.49
N TYR A 85 8.99 13.28 -8.02
CA TYR A 85 7.90 12.74 -7.24
C TYR A 85 7.18 11.67 -8.05
N ALA A 86 6.29 10.94 -7.39
CA ALA A 86 5.28 10.18 -8.11
C ALA A 86 3.93 10.87 -7.93
N VAL A 87 3.13 10.86 -8.99
CA VAL A 87 1.74 11.32 -8.90
C VAL A 87 0.80 10.21 -9.39
N LYS A 88 -0.10 9.82 -8.50
CA LYS A 88 -1.16 8.89 -8.80
C LYS A 88 -2.43 9.66 -9.13
N ARG A 89 -2.96 9.39 -10.31
CA ARG A 89 -4.15 10.10 -10.83
C ARG A 89 -5.24 9.10 -11.07
N SER A 90 -6.46 9.39 -10.63
CA SER A 90 -7.55 8.46 -10.86
C SER A 90 -7.95 8.43 -12.35
N MET A 91 -8.57 7.33 -12.75
CA MET A 91 -8.87 7.08 -14.16
C MET A 91 -9.87 8.04 -14.80
N SER A 92 -11.00 8.24 -14.13
CA SER A 92 -12.11 8.96 -14.72
C SER A 92 -12.80 9.78 -13.64
N PRO A 93 -13.62 10.77 -14.03
CA PRO A 93 -14.23 11.63 -13.00
C PRO A 93 -15.09 10.83 -12.02
N PHE A 94 -15.14 11.30 -10.78
CA PHE A 94 -15.90 10.62 -9.73
C PHE A 94 -17.26 10.18 -10.24
N ARG A 95 -17.64 8.94 -9.88
CA ARG A 95 -18.93 8.38 -10.28
C ARG A 95 -20.08 9.11 -9.58
N GLY A 96 -19.77 9.66 -8.41
CA GLY A 96 -20.74 10.30 -7.55
C GLY A 96 -20.14 10.45 -6.15
N PRO A 97 -20.98 10.86 -5.17
CA PRO A 97 -20.53 11.20 -3.83
C PRO A 97 -19.82 10.06 -3.10
N LYS A 98 -20.32 8.83 -3.26
CA LYS A 98 -19.71 7.72 -2.54
C LYS A 98 -18.35 7.36 -3.12
N ASP A 99 -18.27 7.34 -4.45
CA ASP A 99 -17.01 7.11 -5.14
C ASP A 99 -15.99 8.18 -4.72
N ARG A 100 -16.43 9.43 -4.69
CA ARG A 100 -15.54 10.52 -4.32
C ARG A 100 -15.04 10.34 -2.89
N ALA A 101 -15.96 10.04 -1.96
CA ALA A 101 -15.56 9.79 -0.58
C ALA A 101 -14.58 8.61 -0.45
N ARG A 102 -14.83 7.55 -1.21
CA ARG A 102 -13.97 6.38 -1.18
C ARG A 102 -12.55 6.72 -1.65
N LYS A 103 -12.45 7.50 -2.72
CA LYS A 103 -11.15 7.86 -3.25
C LYS A 103 -10.45 8.86 -2.33
N LEU A 104 -11.17 9.87 -1.85
CA LEU A 104 -10.55 10.83 -0.93
C LEU A 104 -10.07 10.17 0.35
N ALA A 105 -10.67 9.04 0.73
CA ALA A 105 -10.33 8.42 2.00
C ALA A 105 -8.89 7.94 2.00
N GLU A 106 -8.35 7.67 0.81
CA GLU A 106 -6.93 7.31 0.72
C GLU A 106 -6.05 8.43 1.26
N VAL A 107 -6.44 9.68 1.00
CA VAL A 107 -5.67 10.80 1.54
C VAL A 107 -5.82 10.85 3.06
N GLY A 108 -7.04 10.65 3.54
CA GLY A 108 -7.30 10.58 4.96
C GLY A 108 -6.46 9.50 5.62
N SER A 109 -6.37 8.32 4.98
CA SER A 109 -5.57 7.24 5.53
C SER A 109 -4.13 7.66 5.68
N HIS A 110 -3.57 8.36 4.70
CA HIS A 110 -2.24 8.96 4.88
C HIS A 110 -2.18 9.88 6.11
N GLU A 111 -3.18 10.74 6.31
CA GLU A 111 -3.16 11.64 7.45
C GLU A 111 -3.16 10.86 8.77
N LYS A 112 -3.90 9.75 8.83
CA LYS A 112 -4.05 8.98 10.06
C LYS A 112 -2.78 8.22 10.33
N VAL A 113 -2.15 7.73 9.27
CA VAL A 113 -0.90 7.01 9.40
C VAL A 113 0.16 7.98 9.87
N GLY A 114 0.19 9.15 9.27
CA GLY A 114 1.26 10.11 9.52
C GLY A 114 2.59 9.62 8.98
N GLN A 115 3.59 10.48 9.05
CA GLN A 115 4.87 10.20 8.44
C GLN A 115 5.67 9.12 9.18
N HIS A 116 6.27 8.21 8.43
CA HIS A 116 7.07 7.14 8.98
C HIS A 116 8.10 6.70 7.92
N PRO A 117 9.35 6.45 8.34
CA PRO A 117 10.39 6.16 7.34
C PRO A 117 10.18 4.88 6.52
N CYS A 118 9.29 4.00 6.98
CA CYS A 118 9.01 2.76 6.27
C CYS A 118 7.64 2.78 5.58
N CYS A 119 7.05 3.96 5.46
CA CYS A 119 5.80 4.14 4.71
C CYS A 119 6.03 5.18 3.62
N VAL A 120 5.44 4.96 2.45
CA VAL A 120 5.54 5.95 1.39
C VAL A 120 4.84 7.22 1.82
N ARG A 121 5.58 8.32 1.76
CA ARG A 121 5.13 9.63 2.24
C ARG A 121 4.28 10.34 1.20
N LEU A 122 3.15 10.87 1.65
CA LEU A 122 2.34 11.76 0.82
C LEU A 122 2.83 13.19 0.93
N GLU A 123 3.02 13.84 -0.21
CA GLU A 123 3.53 15.21 -0.24
C GLU A 123 2.38 16.20 -0.29
N GLN A 124 1.43 15.96 -1.18
CA GLN A 124 0.21 16.76 -1.26
C GLN A 124 -0.82 16.05 -2.13
N ALA A 125 -2.06 16.49 -2.03
CA ALA A 125 -3.15 15.87 -2.78
C ALA A 125 -4.15 16.94 -3.16
N TRP A 126 -4.74 16.77 -4.34
CA TRP A 126 -5.76 17.70 -4.79
C TRP A 126 -6.74 17.01 -5.73
N GLU A 127 -7.89 17.63 -5.93
CA GLU A 127 -8.86 17.18 -6.93
C GLU A 127 -9.07 18.30 -7.95
N GLU A 128 -9.25 17.91 -9.20
CA GLU A 128 -9.62 18.82 -10.26
C GLU A 128 -10.44 18.07 -11.29
N GLY A 129 -11.56 18.66 -11.72
CA GLY A 129 -12.38 18.06 -12.75
C GLY A 129 -12.84 16.65 -12.47
N GLY A 130 -13.03 16.35 -11.19
CA GLY A 130 -13.48 15.05 -10.74
C GLY A 130 -12.39 14.00 -10.66
N ILE A 131 -11.14 14.41 -10.89
CA ILE A 131 -9.98 13.54 -10.79
C ILE A 131 -9.24 13.83 -9.48
N LEU A 132 -8.85 12.77 -8.78
CA LEU A 132 -8.01 12.88 -7.59
C LEU A 132 -6.55 12.63 -7.92
N TYR A 133 -5.69 13.50 -7.39
CA TYR A 133 -4.25 13.38 -7.59
C TYR A 133 -3.56 13.26 -6.25
N LEU A 134 -2.72 12.22 -6.12
CA LEU A 134 -1.88 12.02 -4.94
C LEU A 134 -0.41 12.14 -5.32
N GLN A 135 0.26 13.16 -4.82
CA GLN A 135 1.68 13.35 -5.08
C GLN A 135 2.45 12.81 -3.88
N THR A 136 3.22 11.75 -4.12
CA THR A 136 4.01 11.09 -3.10
C THR A 136 5.49 11.24 -3.37
N GLU A 137 6.31 10.90 -2.39
CA GLU A 137 7.71 10.74 -2.69
C GLU A 137 7.88 9.68 -3.78
N LEU A 138 8.92 9.84 -4.59
CA LEU A 138 9.29 8.82 -5.55
C LEU A 138 10.15 7.76 -4.89
N CYS A 139 9.73 6.51 -5.03
CA CYS A 139 10.50 5.36 -4.57
C CYS A 139 11.09 4.59 -5.73
N GLY A 140 11.90 3.60 -5.38
CA GLY A 140 12.32 2.61 -6.35
C GLY A 140 11.19 1.66 -6.73
N PRO A 141 11.50 0.68 -7.57
CA PRO A 141 10.52 -0.30 -8.04
C PRO A 141 9.86 -1.07 -6.90
N SER A 142 8.75 -1.72 -7.21
CA SER A 142 8.14 -2.58 -6.22
C SER A 142 9.02 -3.80 -5.96
N LEU A 143 8.79 -4.43 -4.82
CA LEU A 143 9.47 -5.66 -4.48
C LEU A 143 9.14 -6.75 -5.51
N GLN A 144 7.90 -6.78 -6.02
CA GLN A 144 7.56 -7.68 -7.11
C GLN A 144 8.46 -7.45 -8.33
N GLN A 145 8.62 -6.19 -8.70
CA GLN A 145 9.43 -5.85 -9.87
C GLN A 145 10.90 -6.17 -9.66
N HIS A 146 11.36 -5.98 -8.42
CA HIS A 146 12.73 -6.31 -8.06
C HIS A 146 12.96 -7.82 -8.18
N CYS A 147 12.00 -8.61 -7.71
CA CYS A 147 12.15 -10.07 -7.82
C CYS A 147 12.10 -10.52 -9.29
N GLU A 148 11.33 -9.81 -10.10
CA GLU A 148 11.24 -10.14 -11.52
C GLU A 148 12.57 -9.88 -12.17
N ALA A 149 13.19 -8.75 -11.83
CA ALA A 149 14.49 -8.41 -12.39
C ALA A 149 15.55 -9.37 -11.90
N TRP A 150 15.45 -9.83 -10.65
CA TRP A 150 16.44 -10.75 -10.10
C TRP A 150 16.32 -12.11 -10.82
N GLY A 151 15.09 -12.51 -11.11
CA GLY A 151 14.82 -13.73 -11.86
C GLY A 151 15.01 -15.00 -11.05
N ALA A 152 15.12 -14.85 -9.74
CA ALA A 152 15.37 -15.96 -8.83
C ALA A 152 14.96 -15.57 -7.41
N SER A 153 15.07 -16.51 -6.48
CA SER A 153 14.95 -16.21 -5.05
C SER A 153 15.88 -15.10 -4.67
N LEU A 154 15.42 -14.24 -3.79
CA LEU A 154 16.27 -13.20 -3.22
C LEU A 154 17.16 -13.79 -2.15
N PRO A 155 18.42 -13.33 -2.07
CA PRO A 155 19.28 -13.77 -0.96
C PRO A 155 18.66 -13.40 0.37
N GLU A 156 18.84 -14.23 1.40
CA GLU A 156 18.16 -13.97 2.68
C GLU A 156 18.61 -12.67 3.33
N ALA A 157 19.85 -12.28 3.10
CA ALA A 157 20.32 -11.01 3.66
C ALA A 157 19.40 -9.87 3.19
N GLN A 158 19.01 -9.88 1.91
CA GLN A 158 18.06 -8.88 1.41
C GLN A 158 16.71 -9.03 2.10
N VAL A 159 16.24 -10.27 2.16
CA VAL A 159 14.93 -10.60 2.71
C VAL A 159 14.74 -10.11 4.15
N TRP A 160 15.73 -10.36 5.00
CA TRP A 160 15.62 -9.93 6.40
C TRP A 160 15.39 -8.41 6.53
N GLY A 161 16.09 -7.61 5.71
CA GLY A 161 15.91 -6.16 5.69
C GLY A 161 14.52 -5.74 5.28
N TYR A 162 13.98 -6.40 4.26
CA TYR A 162 12.66 -6.05 3.76
C TYR A 162 11.59 -6.47 4.73
N LEU A 163 11.80 -7.62 5.38
CA LEU A 163 10.91 -8.09 6.42
C LEU A 163 10.86 -7.10 7.58
N ARG A 164 12.03 -6.66 8.03
CA ARG A 164 12.09 -5.76 9.17
C ARG A 164 11.44 -4.42 8.84
N ASP A 165 11.75 -3.85 7.69
CA ASP A 165 11.18 -2.56 7.32
C ASP A 165 9.66 -2.63 7.20
N THR A 166 9.13 -3.69 6.57
CA THR A 166 7.69 -3.75 6.40
C THR A 166 7.03 -4.07 7.74
N LEU A 167 7.69 -4.83 8.60
CA LEU A 167 7.17 -5.01 9.97
C LEU A 167 7.15 -3.67 10.73
N LEU A 168 8.18 -2.86 10.57
CA LEU A 168 8.18 -1.53 11.21
C LEU A 168 6.97 -0.72 10.73
N ALA A 169 6.70 -0.79 9.43
CA ALA A 169 5.55 -0.08 8.89
C ALA A 169 4.26 -0.61 9.47
N LEU A 170 4.12 -1.93 9.52
CA LEU A 170 2.90 -2.53 10.07
C LEU A 170 2.72 -2.20 11.55
N ALA A 171 3.78 -2.26 12.36
CA ALA A 171 3.64 -1.91 13.75
C ALA A 171 3.13 -0.47 13.91
N HIS A 172 3.60 0.42 13.06
CA HIS A 172 3.15 1.80 13.07
C HIS A 172 1.64 1.91 12.76
N LEU A 173 1.18 1.24 11.71
CA LEU A 173 -0.25 1.20 11.38
C LEU A 173 -1.07 0.58 12.50
N HIS A 174 -0.61 -0.57 12.98
CA HIS A 174 -1.38 -1.40 13.91
C HIS A 174 -1.51 -0.76 15.30
N SER A 175 -0.48 -0.06 15.73
CA SER A 175 -0.53 0.64 17.02
C SER A 175 -1.69 1.64 17.03
N GLN A 176 -2.08 2.12 15.84
CA GLN A 176 -3.17 3.10 15.68
C GLN A 176 -4.50 2.50 15.20
N GLY A 177 -4.61 1.18 15.21
CA GLY A 177 -5.86 0.53 14.90
C GLY A 177 -6.16 0.52 13.41
N LEU A 178 -5.10 0.60 12.60
CA LEU A 178 -5.22 0.61 11.14
C LEU A 178 -4.78 -0.71 10.56
N VAL A 179 -5.49 -1.15 9.54
CA VAL A 179 -5.15 -2.39 8.84
C VAL A 179 -5.02 -2.07 7.35
N HIS A 180 -3.87 -2.42 6.78
CA HIS A 180 -3.56 -2.08 5.38
C HIS A 180 -4.45 -2.84 4.40
N LEU A 181 -4.60 -4.14 4.65
CA LEU A 181 -5.43 -5.11 3.92
C LEU A 181 -4.97 -5.47 2.50
N ASP A 182 -3.85 -4.91 2.02
CA ASP A 182 -3.33 -5.38 0.73
C ASP A 182 -1.83 -5.39 0.71
N VAL A 183 -1.26 -5.99 1.75
CA VAL A 183 0.17 -6.18 1.81
C VAL A 183 0.55 -7.29 0.83
N LYS A 184 1.48 -6.95 -0.07
CA LYS A 184 2.00 -7.85 -1.08
C LYS A 184 3.22 -7.24 -1.74
N PRO A 185 4.00 -8.06 -2.46
CA PRO A 185 5.22 -7.51 -3.08
C PRO A 185 4.97 -6.31 -3.96
N ALA A 186 3.80 -6.23 -4.61
CA ALA A 186 3.53 -5.12 -5.51
C ALA A 186 3.28 -3.78 -4.79
N ASN A 187 3.04 -3.82 -3.48
CA ASN A 187 2.75 -2.63 -2.70
C ASN A 187 3.86 -2.26 -1.73
N ILE A 188 5.02 -2.88 -1.93
CA ILE A 188 6.24 -2.56 -1.17
C ILE A 188 7.26 -2.03 -2.16
N PHE A 189 7.79 -0.84 -1.88
CA PHE A 189 8.68 -0.15 -2.79
C PHE A 189 10.06 0.03 -2.22
N LEU A 190 11.04 -0.24 -3.06
CA LEU A 190 12.41 -0.20 -2.66
C LEU A 190 12.88 1.23 -2.44
N GLY A 191 13.75 1.36 -1.46
CA GLY A 191 14.47 2.59 -1.19
C GLY A 191 15.94 2.31 -1.36
N PRO A 192 16.79 3.30 -1.04
CA PRO A 192 18.22 3.14 -1.24
C PRO A 192 18.83 2.18 -0.24
N ARG A 193 19.96 1.58 -0.60
CA ARG A 193 20.81 0.84 0.33
C ARG A 193 20.00 -0.19 1.11
N GLY A 194 19.20 -0.97 0.40
CA GLY A 194 18.55 -2.14 0.98
C GLY A 194 17.29 -1.94 1.82
N ARG A 195 16.70 -0.74 1.78
CA ARG A 195 15.50 -0.48 2.56
C ARG A 195 14.26 -0.64 1.67
N CYS A 196 13.09 -0.65 2.30
CA CYS A 196 11.84 -0.57 1.55
C CYS A 196 10.73 0.11 2.34
N LYS A 197 9.68 0.44 1.64
CA LYS A 197 8.57 1.12 2.20
C LYS A 197 7.23 0.55 1.76
N LEU A 198 6.30 0.53 2.68
CA LEU A 198 4.96 0.11 2.38
C LEU A 198 4.16 1.29 1.81
N GLY A 199 3.46 1.02 0.72
CA GLY A 199 2.63 2.00 0.07
C GLY A 199 1.25 1.45 -0.25
N ASP A 200 0.53 2.25 -1.02
CA ASP A 200 -0.82 1.99 -1.47
C ASP A 200 -1.82 1.82 -0.35
N PHE A 201 -2.25 2.94 0.20
CA PHE A 201 -3.16 2.94 1.31
C PHE A 201 -4.65 2.99 0.90
N GLY A 202 -4.93 2.62 -0.32
CA GLY A 202 -6.28 2.64 -0.84
C GLY A 202 -7.30 1.76 -0.16
N LEU A 203 -6.85 0.64 0.37
CA LEU A 203 -7.70 -0.29 1.04
C LEU A 203 -7.64 -0.19 2.54
N LEU A 204 -6.80 0.68 3.05
CA LEU A 204 -6.63 0.78 4.47
C LEU A 204 -7.89 1.11 5.24
N VAL A 205 -8.05 0.44 6.37
CA VAL A 205 -9.19 0.67 7.22
C VAL A 205 -8.81 0.90 8.67
N GLU A 206 -9.66 1.67 9.34
CA GLU A 206 -9.50 1.94 10.73
C GLU A 206 -10.53 1.06 11.38
N LEU A 207 -10.07 0.17 12.20
CA LEU A 207 -10.94 -0.77 12.84
C LEU A 207 -11.92 -0.02 13.72
N GLY A 208 -13.16 -0.46 13.67
CA GLY A 208 -14.18 0.16 14.48
C GLY A 208 -14.93 1.27 13.81
N THR A 209 -14.67 1.47 12.54
CA THR A 209 -15.38 2.49 11.80
C THR A 209 -15.95 1.82 10.62
N ALA A 210 -17.15 2.22 10.28
CA ALA A 210 -17.82 1.65 9.16
C ALA A 210 -17.17 2.24 7.94
N GLY A 211 -17.55 1.80 6.75
CA GLY A 211 -18.69 0.92 6.55
C GLY A 211 -18.68 -0.42 7.27
N ALA A 212 -19.80 -0.78 7.86
CA ALA A 212 -19.91 -2.08 8.55
C ALA A 212 -19.53 -3.11 7.52
N GLY A 213 -18.76 -4.14 7.89
CA GLY A 213 -18.27 -5.04 6.87
C GLY A 213 -17.45 -4.16 5.94
N GLU A 214 -16.42 -3.55 6.51
CA GLU A 214 -15.56 -2.60 5.79
C GLU A 214 -14.89 -3.41 4.70
N VAL A 215 -15.71 -3.52 3.66
CA VAL A 215 -15.56 -4.37 2.50
C VAL A 215 -14.88 -3.96 1.20
N GLN A 216 -13.56 -3.85 1.21
CA GLN A 216 -12.79 -3.65 0.01
C GLN A 216 -11.82 -4.80 0.19
N GLU A 217 -11.72 -5.68 -0.79
CA GLU A 217 -10.92 -6.88 -0.66
C GLU A 217 -9.55 -6.87 -1.28
N GLY A 218 -8.54 -7.30 -0.55
CA GLY A 218 -7.20 -7.32 -1.10
C GLY A 218 -6.96 -8.52 -2.00
N ASP A 219 -5.72 -8.64 -2.46
CA ASP A 219 -5.34 -9.69 -3.41
C ASP A 219 -5.56 -11.06 -2.76
N PRO A 220 -6.34 -11.92 -3.42
CA PRO A 220 -6.65 -13.23 -2.81
C PRO A 220 -5.43 -14.11 -2.59
N ARG A 221 -4.35 -13.92 -3.34
CA ARG A 221 -3.16 -14.72 -3.11
C ARG A 221 -2.58 -14.53 -1.69
N TYR A 222 -2.78 -13.34 -1.10
CA TYR A 222 -2.12 -12.98 0.16
C TYR A 222 -3.10 -12.85 1.32
N MET A 223 -4.37 -13.10 1.06
CA MET A 223 -5.44 -12.86 2.03
C MET A 223 -5.33 -13.78 3.24
N ALA A 224 -5.51 -13.24 4.43
CA ALA A 224 -5.54 -14.04 5.64
C ALA A 224 -6.79 -14.91 5.66
N PRO A 225 -6.66 -16.14 6.15
CA PRO A 225 -7.76 -17.09 6.06
C PRO A 225 -9.00 -16.62 6.83
N GLU A 226 -8.81 -15.93 7.94
CA GLU A 226 -9.95 -15.47 8.72
C GLU A 226 -10.78 -14.39 8.00
N LEU A 227 -10.27 -13.79 6.94
CA LEU A 227 -11.05 -12.79 6.25
C LEU A 227 -12.17 -13.43 5.45
N LEU A 228 -12.09 -14.72 5.16
CA LEU A 228 -13.17 -15.35 4.41
C LEU A 228 -14.46 -15.26 5.19
N GLN A 229 -14.38 -15.26 6.53
CA GLN A 229 -15.57 -15.11 7.37
C GLN A 229 -15.70 -13.69 7.94
N GLY A 230 -15.00 -12.74 7.34
CA GLY A 230 -15.16 -11.34 7.71
C GLY A 230 -14.59 -10.97 9.07
N SER A 231 -13.57 -11.70 9.51
CA SER A 231 -12.91 -11.42 10.78
C SER A 231 -11.73 -10.46 10.56
N TYR A 232 -12.01 -9.16 10.53
CA TYR A 232 -10.97 -8.18 10.22
C TYR A 232 -10.18 -7.78 11.46
N GLY A 233 -8.86 -7.75 11.34
CA GLY A 233 -8.00 -7.32 12.42
C GLY A 233 -6.59 -7.07 11.91
N THR A 234 -5.76 -6.47 12.74
CA THR A 234 -4.38 -6.21 12.37
C THR A 234 -3.64 -7.50 12.02
N ALA A 235 -3.99 -8.62 12.65
CA ALA A 235 -3.35 -9.90 12.36
C ALA A 235 -3.39 -10.26 10.88
N ALA A 236 -4.41 -9.80 10.15
CA ALA A 236 -4.52 -10.13 8.72
C ALA A 236 -3.29 -9.64 7.95
N ASP A 237 -2.78 -8.45 8.30
CA ASP A 237 -1.60 -7.91 7.62
C ASP A 237 -0.37 -8.74 7.89
N VAL A 238 -0.26 -9.28 9.10
CA VAL A 238 0.92 -10.08 9.44
C VAL A 238 0.94 -11.34 8.56
N PHE A 239 -0.22 -11.98 8.40
CA PHE A 239 -0.32 -13.12 7.52
C PHE A 239 0.05 -12.77 6.08
N SER A 240 -0.48 -11.66 5.58
CA SER A 240 -0.19 -11.25 4.21
C SER A 240 1.31 -11.02 4.04
N LEU A 241 1.96 -10.46 5.06
CA LEU A 241 3.40 -10.18 4.95
C LEU A 241 4.19 -11.49 5.01
N GLY A 242 3.70 -12.45 5.78
CA GLY A 242 4.31 -13.77 5.80
C GLY A 242 4.34 -14.40 4.43
N LEU A 243 3.23 -14.32 3.69
CA LEU A 243 3.20 -14.91 2.36
C LEU A 243 4.02 -14.08 1.36
N THR A 244 4.02 -12.77 1.54
CA THR A 244 4.87 -11.86 0.77
C THR A 244 6.34 -12.28 0.87
N ILE A 245 6.80 -12.49 2.09
CA ILE A 245 8.20 -12.81 2.30
C ILE A 245 8.48 -14.24 1.83
N LEU A 246 7.54 -15.15 2.06
CA LEU A 246 7.69 -16.52 1.56
C LEU A 246 7.90 -16.52 0.06
N GLU A 247 7.04 -15.78 -0.64
CA GLU A 247 7.12 -15.65 -2.09
C GLU A 247 8.48 -15.12 -2.54
N VAL A 248 8.95 -14.03 -1.93
CA VAL A 248 10.18 -13.41 -2.45
C VAL A 248 11.43 -14.20 -2.05
N ALA A 249 11.40 -14.85 -0.89
CA ALA A 249 12.53 -15.65 -0.41
C ALA A 249 12.68 -16.97 -1.14
N CYS A 250 11.59 -17.45 -1.76
CA CYS A 250 11.57 -18.78 -2.39
C CYS A 250 11.29 -18.76 -3.89
N ASN A 251 11.04 -17.57 -4.43
CA ASN A 251 10.61 -17.41 -5.81
C ASN A 251 9.40 -18.31 -6.13
N MET A 252 8.43 -18.26 -5.22
CA MET A 252 7.29 -19.18 -5.25
C MET A 252 6.02 -18.46 -5.58
N GLU A 253 5.45 -18.81 -6.72
CA GLU A 253 4.16 -18.30 -7.16
C GLU A 253 3.09 -18.74 -6.18
N LEU A 254 2.25 -17.80 -5.76
CA LEU A 254 1.17 -18.13 -4.83
C LEU A 254 -0.15 -18.35 -5.55
N PRO A 255 -0.86 -19.41 -5.17
CA PRO A 255 -2.16 -19.70 -5.77
C PRO A 255 -3.23 -18.69 -5.33
N HIS A 256 -4.11 -18.38 -6.27
N HIS A 256 -4.17 -18.34 -6.19
CA HIS A 256 -5.28 -17.55 -6.06
CA HIS A 256 -5.29 -17.51 -5.75
C HIS A 256 -6.40 -18.35 -5.37
C HIS A 256 -6.47 -18.36 -5.33
N GLY A 257 -6.32 -19.68 -5.39
CA GLY A 257 -7.38 -20.55 -4.92
C GLY A 257 -6.97 -22.02 -5.00
N GLY A 258 -7.96 -22.91 -4.82
CA GLY A 258 -7.74 -24.34 -4.89
C GLY A 258 -6.99 -24.91 -3.69
N GLU A 259 -6.62 -26.16 -3.83
CA GLU A 259 -5.95 -26.94 -2.80
C GLU A 259 -4.75 -26.21 -2.16
N GLY A 260 -3.89 -25.66 -3.02
CA GLY A 260 -2.70 -24.99 -2.57
C GLY A 260 -2.97 -23.77 -1.71
N TRP A 261 -4.00 -23.01 -2.09
CA TRP A 261 -4.41 -21.83 -1.33
C TRP A 261 -4.82 -22.24 0.11
N GLN A 262 -5.53 -23.36 0.19
CA GLN A 262 -5.99 -23.85 1.48
C GLN A 262 -4.79 -24.34 2.29
N GLN A 263 -3.90 -25.10 1.66
CA GLN A 263 -2.74 -25.65 2.38
C GLN A 263 -1.86 -24.55 3.00
N LEU A 264 -1.66 -23.45 2.29
CA LEU A 264 -0.81 -22.36 2.81
C LEU A 264 -1.45 -21.70 4.02
N ARG A 265 -2.76 -21.95 4.17
CA ARG A 265 -3.52 -21.42 5.28
C ARG A 265 -3.84 -22.49 6.33
N GLN A 266 -3.10 -23.60 6.24
CA GLN A 266 -3.15 -24.70 7.19
C GLN A 266 -1.75 -25.06 7.70
N GLY A 267 -0.82 -24.10 7.59
CA GLY A 267 0.52 -24.29 8.11
C GLY A 267 1.49 -25.00 7.18
N TYR A 268 1.07 -25.30 5.94
CA TYR A 268 1.92 -26.03 5.00
C TYR A 268 2.97 -25.11 4.39
N LEU A 269 4.22 -25.57 4.43
CA LEU A 269 5.32 -24.92 3.72
C LEU A 269 5.86 -25.92 2.71
N PRO A 270 5.57 -25.68 1.41
CA PRO A 270 5.94 -26.67 0.38
C PRO A 270 7.43 -26.97 0.35
N PRO A 271 7.82 -28.24 0.51
CA PRO A 271 9.25 -28.50 0.60
C PRO A 271 10.01 -28.23 -0.69
N GLU A 272 9.35 -28.34 -1.85
CA GLU A 272 9.99 -28.09 -3.16
C GLU A 272 10.49 -26.64 -3.30
N PHE A 273 9.91 -25.75 -2.50
CA PHE A 273 10.25 -24.34 -2.53
C PHE A 273 10.97 -23.83 -1.30
N THR A 274 10.71 -24.44 -0.14
CA THR A 274 11.13 -23.85 1.13
C THR A 274 12.27 -24.58 1.83
N ALA A 275 12.75 -25.66 1.22
CA ALA A 275 13.79 -26.46 1.86
C ALA A 275 15.10 -25.68 2.04
N GLY A 276 15.28 -24.61 1.26
CA GLY A 276 16.52 -23.86 1.31
C GLY A 276 16.52 -22.68 2.26
N LEU A 277 15.39 -22.44 2.93
CA LEU A 277 15.30 -21.39 3.95
C LEU A 277 16.16 -21.74 5.14
N SER A 278 16.77 -20.72 5.72
CA SER A 278 17.42 -20.90 7.00
C SER A 278 16.38 -21.29 8.06
N SER A 279 16.82 -22.01 9.08
CA SER A 279 15.92 -22.35 10.17
C SER A 279 15.33 -21.11 10.81
N GLU A 280 16.15 -20.07 10.90
CA GLU A 280 15.70 -18.84 11.55
C GLU A 280 14.58 -18.17 10.73
N LEU A 281 14.76 -18.07 9.42
CA LEU A 281 13.74 -17.40 8.64
C LEU A 281 12.48 -18.25 8.59
N ARG A 282 12.65 -19.57 8.47
CA ARG A 282 11.49 -20.48 8.48
C ARG A 282 10.68 -20.30 9.78
N SER A 283 11.38 -20.22 10.91
CA SER A 283 10.73 -20.10 12.21
C SER A 283 9.89 -18.83 12.30
N VAL A 284 10.44 -17.75 11.76
CA VAL A 284 9.70 -16.48 11.78
C VAL A 284 8.49 -16.57 10.87
N LEU A 285 8.65 -17.15 9.69
CA LEU A 285 7.52 -17.29 8.76
C LEU A 285 6.39 -18.14 9.37
N VAL A 286 6.75 -19.18 10.10
CA VAL A 286 5.73 -20.01 10.73
C VAL A 286 4.90 -19.19 11.72
N MET A 287 5.56 -18.30 12.46
CA MET A 287 4.88 -17.42 13.40
C MET A 287 3.88 -16.50 12.69
N MET A 288 4.29 -15.99 11.53
CA MET A 288 3.49 -15.04 10.77
C MET A 288 2.33 -15.71 10.05
N LEU A 289 2.52 -16.99 9.70
CA LEU A 289 1.53 -17.73 8.91
C LEU A 289 0.57 -18.57 9.73
N GLU A 290 0.61 -18.42 11.05
CA GLU A 290 -0.28 -19.14 11.94
C GLU A 290 -1.74 -18.93 11.49
N PRO A 291 -2.46 -20.02 11.20
CA PRO A 291 -3.84 -19.92 10.72
C PRO A 291 -4.80 -19.18 11.65
N ASP A 292 -4.62 -19.35 12.95
CA ASP A 292 -5.55 -18.76 13.93
C ASP A 292 -5.08 -17.33 14.25
N PRO A 293 -5.85 -16.32 13.86
CA PRO A 293 -5.36 -14.94 14.11
C PRO A 293 -5.12 -14.62 15.59
N LYS A 294 -5.76 -15.34 16.51
CA LYS A 294 -5.53 -15.11 17.93
C LYS A 294 -4.18 -15.63 18.40
N LEU A 295 -3.59 -16.56 17.65
CA LEU A 295 -2.28 -17.13 17.95
C LEU A 295 -1.15 -16.53 17.13
N ARG A 296 -1.50 -15.85 16.05
CA ARG A 296 -0.50 -15.30 15.15
C ARG A 296 0.30 -14.18 15.85
N ALA A 297 1.62 -14.16 15.63
CA ALA A 297 2.45 -13.10 16.22
C ALA A 297 2.03 -11.73 15.76
N THR A 298 2.20 -10.75 16.64
CA THR A 298 2.03 -9.34 16.27
C THR A 298 3.34 -8.80 15.67
N ALA A 299 3.22 -7.69 14.94
CA ALA A 299 4.39 -7.06 14.36
C ALA A 299 5.36 -6.61 15.45
N GLU A 300 4.83 -6.01 16.52
CA GLU A 300 5.68 -5.59 17.65
C GLU A 300 6.43 -6.75 18.27
N ALA A 301 5.73 -7.87 18.43
CA ALA A 301 6.33 -9.07 19.03
C ALA A 301 7.45 -9.65 18.15
N LEU A 302 7.25 -9.67 16.85
CA LEU A 302 8.26 -10.13 15.89
C LEU A 302 9.50 -9.22 15.92
N LEU A 303 9.27 -7.91 15.92
CA LEU A 303 10.36 -6.93 15.95
C LEU A 303 11.18 -6.99 17.24
N ALA A 304 10.62 -7.63 18.28
CA ALA A 304 11.33 -7.77 19.54
C ALA A 304 12.28 -8.96 19.50
N LEU A 305 12.11 -9.85 18.53
CA LEU A 305 13.00 -11.00 18.44
C LEU A 305 14.41 -10.53 18.12
N PRO A 306 15.42 -11.04 18.82
CA PRO A 306 16.80 -10.66 18.49
C PRO A 306 17.16 -10.80 17.02
N VAL A 307 16.61 -11.81 16.33
CA VAL A 307 16.99 -12.02 14.95
C VAL A 307 16.52 -10.86 14.07
N LEU A 308 15.58 -10.07 14.55
CA LEU A 308 15.07 -8.92 13.76
C LEU A 308 15.55 -7.55 14.29
N ARG A 309 16.56 -7.56 15.17
CA ARG A 309 17.12 -6.34 15.73
C ARG A 309 17.71 -5.41 14.67
N GLN A 310 17.87 -4.13 15.04
CA GLN A 310 18.49 -3.13 14.18
C GLN A 310 19.86 -3.59 13.65
#